data_6VG2
#
_entry.id   6VG2
#
_cell.length_a   79.422
_cell.length_b   90.732
_cell.length_c   165.204
_cell.angle_alpha   90.000
_cell.angle_beta   90.000
_cell.angle_gamma   90.000
#
_symmetry.space_group_name_H-M   'I 21 21 21'
#
loop_
_entity.id
_entity.type
_entity.pdbx_description
1 polymer 'Friend leukemia integration 1 transcription factor'
2 polymer "DNA (5'-D(*GP*AP*CP*CP*GP*GP*AP*AP*GP*TP*GP*GP*CP*TP*TP*C)-3')"
3 polymer "DNA (5'-D(*GP*AP*AP*GP*CP*CP*AP*CP*TP*TP*CP*CP*GP*GP*TP*C)-3')"
#
loop_
_entity_poly.entity_id
_entity_poly.type
_entity_poly.pdbx_seq_one_letter_code
_entity_poly.pdbx_strand_id
1 'polypeptide(L)'
;GPHMPGSGQIQLWQFLLELLSDSANASCITWEGTNGEFKMTDPDEVARRWGERKSKPNMNYDKLSRALRYYYDKNIMTKV
HGKRYAYKFDFHGIAQALQPHPTE
;
A,D
2 'polydeoxyribonucleotide' (DC)(DA)(DG)(DA)(DG)(DG)(DA)(DT)(DG)(DT)(DG)(DG)(DC)(DT)(DT)(DC) B,E
3 'polydeoxyribonucleotide' (DG)(DA)(DA)(DG)(DC)(DC)(DA)(DC)(DA)(DT)(DC)(DC)(DT)(DC)(DT)(DG) C,F
#
loop_
_chem_comp.id
_chem_comp.type
_chem_comp.name
_chem_comp.formula
DA DNA linking 2'-DEOXYADENOSINE-5'-MONOPHOSPHATE 'C10 H14 N5 O6 P'
DC DNA linking 2'-DEOXYCYTIDINE-5'-MONOPHOSPHATE 'C9 H14 N3 O7 P'
DG DNA linking 2'-DEOXYGUANOSINE-5'-MONOPHOSPHATE 'C10 H14 N5 O7 P'
DT DNA linking THYMIDINE-5'-MONOPHOSPHATE 'C10 H15 N2 O8 P'
#
# COMPACT_ATOMS: atom_id res chain seq x y z
N GLY A 8 -14.50 14.56 -7.95
CA GLY A 8 -15.33 14.05 -6.82
C GLY A 8 -15.24 12.55 -6.70
N GLN A 9 -15.97 11.97 -5.75
CA GLN A 9 -15.99 10.50 -5.49
C GLN A 9 -14.58 9.98 -5.19
N ILE A 10 -13.90 10.57 -4.21
CA ILE A 10 -12.47 10.24 -3.92
C ILE A 10 -12.12 10.63 -2.48
N GLN A 11 -11.05 10.04 -1.96
CA GLN A 11 -10.42 10.32 -0.64
C GLN A 11 -9.19 11.22 -0.87
N LEU A 12 -8.44 11.55 0.18
CA LEU A 12 -7.16 12.30 0.05
C LEU A 12 -6.03 11.31 -0.25
N TRP A 13 -5.80 10.37 0.67
CA TRP A 13 -4.67 9.40 0.64
C TRP A 13 -4.58 8.71 -0.74
N GLN A 14 -5.71 8.66 -1.46
CA GLN A 14 -5.79 8.17 -2.87
C GLN A 14 -5.10 9.17 -3.79
N PHE A 15 -5.70 10.35 -3.97
CA PHE A 15 -5.18 11.46 -4.82
C PHE A 15 -3.65 11.40 -4.87
N LEU A 16 -3.02 11.38 -3.68
CA LEU A 16 -1.55 11.48 -3.51
C LEU A 16 -0.87 10.34 -4.27
N LEU A 17 -1.39 9.12 -4.14
CA LEU A 17 -0.91 7.93 -4.91
C LEU A 17 -0.95 8.27 -6.40
N GLU A 18 -2.14 8.63 -6.90
CA GLU A 18 -2.40 8.99 -8.33
C GLU A 18 -1.23 9.83 -8.84
N LEU A 19 -0.86 10.89 -8.11
CA LEU A 19 0.20 11.85 -8.50
C LEU A 19 1.55 11.13 -8.53
N LEU A 20 1.83 10.33 -7.50
CA LEU A 20 3.16 9.67 -7.26
C LEU A 20 3.43 8.60 -8.33
N SER A 21 2.39 8.02 -8.91
CA SER A 21 2.48 7.02 -10.02
C SER A 21 2.94 7.70 -11.32
N ASP A 22 2.76 9.02 -11.41
CA ASP A 22 3.17 9.86 -12.58
C ASP A 22 4.51 10.54 -12.25
N SER A 23 5.60 10.08 -12.88
CA SER A 23 6.99 10.54 -12.61
C SER A 23 7.17 11.99 -13.11
N ALA A 24 6.21 12.50 -13.88
CA ALA A 24 6.14 13.91 -14.33
C ALA A 24 6.04 14.85 -13.12
N ASN A 25 5.34 14.41 -12.07
CA ASN A 25 5.00 15.23 -10.87
C ASN A 25 6.13 15.17 -9.84
N ALA A 26 7.20 14.42 -10.12
CA ALA A 26 8.42 14.33 -9.26
C ALA A 26 8.91 15.72 -8.88
N SER A 27 8.66 16.72 -9.75
CA SER A 27 8.83 18.17 -9.50
C SER A 27 7.98 18.59 -8.30
N CYS A 28 6.78 18.03 -8.20
CA CYS A 28 5.70 18.40 -7.24
C CYS A 28 5.72 17.48 -6.01
N ILE A 29 5.89 16.17 -6.22
CA ILE A 29 5.90 15.14 -5.13
C ILE A 29 6.55 13.86 -5.65
N THR A 30 7.63 13.42 -5.00
CA THR A 30 8.48 12.27 -5.42
C THR A 30 8.53 11.21 -4.31
N TRP A 31 8.55 9.94 -4.70
CA TRP A 31 8.89 8.81 -3.79
C TRP A 31 10.29 9.05 -3.23
N GLU A 32 10.49 8.73 -1.96
CA GLU A 32 11.77 8.96 -1.23
C GLU A 32 12.07 7.54 -0.71
N GLY A 33 12.95 6.82 -1.42
CA GLY A 33 13.68 5.63 -0.96
C GLY A 33 12.76 4.54 -0.44
N THR A 34 12.89 4.21 0.86
CA THR A 34 12.29 3.05 1.57
C THR A 34 10.81 2.91 1.21
N ASN A 35 10.32 1.67 1.11
CA ASN A 35 8.87 1.40 0.90
C ASN A 35 8.04 2.18 1.94
N GLY A 36 7.10 2.99 1.45
CA GLY A 36 6.22 3.85 2.26
C GLY A 36 6.57 5.32 2.12
N GLU A 37 7.87 5.65 2.24
CA GLU A 37 8.37 7.05 2.36
C GLU A 37 8.19 7.78 1.03
N PHE A 38 7.76 9.04 1.12
CA PHE A 38 7.76 10.04 0.02
C PHE A 38 7.85 11.45 0.62
N LYS A 39 8.25 12.44 -0.20
CA LYS A 39 8.36 13.87 0.20
C LYS A 39 7.60 14.74 -0.80
N MET A 40 7.02 15.85 -0.30
CA MET A 40 6.37 16.91 -1.12
C MET A 40 7.40 17.98 -1.46
N THR A 41 8.14 17.79 -2.56
CA THR A 41 9.16 18.76 -3.04
C THR A 41 8.51 20.15 -3.13
N ASP A 42 7.24 20.21 -3.57
CA ASP A 42 6.47 21.47 -3.74
C ASP A 42 5.14 21.35 -2.99
N PRO A 43 5.08 21.71 -1.69
CA PRO A 43 3.88 21.53 -0.88
C PRO A 43 2.78 22.59 -1.09
N ASP A 44 2.70 23.17 -2.28
CA ASP A 44 1.70 24.25 -2.60
C ASP A 44 1.00 23.90 -3.91
N GLU A 45 1.76 23.56 -4.96
CA GLU A 45 1.24 23.02 -6.23
C GLU A 45 0.40 21.77 -5.94
N VAL A 46 0.79 21.00 -4.92
CA VAL A 46 -0.01 19.88 -4.35
C VAL A 46 -1.34 20.46 -3.84
N ALA A 47 -1.27 21.32 -2.80
CA ALA A 47 -2.42 21.94 -2.11
C ALA A 47 -3.37 22.60 -3.12
N ARG A 48 -2.81 23.18 -4.20
CA ARG A 48 -3.57 23.90 -5.26
C ARG A 48 -4.44 22.90 -6.03
N ARG A 49 -3.84 21.80 -6.51
CA ARG A 49 -4.51 20.77 -7.36
C ARG A 49 -5.59 20.02 -6.55
N TRP A 50 -5.42 19.91 -5.23
CA TRP A 50 -6.37 19.21 -4.32
C TRP A 50 -7.69 19.98 -4.27
N GLY A 51 -7.63 21.26 -3.90
CA GLY A 51 -8.79 22.19 -3.94
C GLY A 51 -9.47 22.14 -5.30
N GLU A 52 -8.67 22.11 -6.37
CA GLU A 52 -9.13 22.00 -7.78
C GLU A 52 -9.98 20.73 -7.92
N ARG A 53 -9.37 19.56 -7.73
CA ARG A 53 -10.02 18.22 -7.84
C ARG A 53 -11.26 18.16 -6.93
N LYS A 54 -11.25 18.86 -5.80
CA LYS A 54 -12.36 18.88 -4.82
C LYS A 54 -13.17 20.17 -4.94
N SER A 55 -13.02 20.90 -6.06
CA SER A 55 -13.71 22.18 -6.35
C SER A 55 -13.77 23.04 -5.08
N LYS A 56 -12.61 23.45 -4.58
CA LYS A 56 -12.42 24.09 -3.25
C LYS A 56 -11.25 25.07 -3.34
N PRO A 57 -11.44 26.26 -3.93
CA PRO A 57 -10.32 27.16 -4.24
C PRO A 57 -9.80 28.01 -3.08
N ASN A 58 -10.04 27.58 -1.83
CA ASN A 58 -9.51 28.22 -0.59
C ASN A 58 -8.42 27.32 0.02
N MET A 59 -7.96 26.32 -0.73
CA MET A 59 -7.13 25.20 -0.19
C MET A 59 -5.66 25.62 -0.10
N ASN A 60 -4.94 25.10 0.91
CA ASN A 60 -3.51 25.37 1.19
C ASN A 60 -2.93 24.21 2.00
N TYR A 61 -1.61 24.17 2.14
CA TYR A 61 -0.85 23.14 2.91
C TYR A 61 -1.35 23.12 4.37
N ASP A 62 -1.72 24.30 4.88
CA ASP A 62 -2.32 24.52 6.23
C ASP A 62 -3.51 23.61 6.59
N LYS A 63 -4.55 23.59 5.75
CA LYS A 63 -5.76 22.74 5.95
C LYS A 63 -5.45 21.30 5.51
N LEU A 64 -4.61 21.14 4.48
CA LEU A 64 -4.27 19.84 3.87
C LEU A 64 -3.60 18.94 4.92
N SER A 65 -2.50 19.43 5.50
CA SER A 65 -1.67 18.68 6.50
C SER A 65 -2.53 18.29 7.72
N ARG A 66 -3.56 19.08 8.05
CA ARG A 66 -4.55 18.76 9.11
C ARG A 66 -5.33 17.51 8.70
N ALA A 67 -5.79 17.47 7.45
CA ALA A 67 -6.50 16.31 6.83
C ALA A 67 -5.62 15.06 6.93
N LEU A 68 -4.30 15.20 6.74
CA LEU A 68 -3.33 14.09 6.87
C LEU A 68 -3.17 13.70 8.35
N ARG A 69 -3.22 14.69 9.25
CA ARG A 69 -2.98 14.49 10.71
C ARG A 69 -4.11 13.67 11.33
N TYR A 70 -5.23 13.48 10.61
CA TYR A 70 -6.31 12.54 10.97
C TYR A 70 -5.90 11.09 10.65
N TYR A 71 -5.10 10.90 9.59
CA TYR A 71 -4.74 9.57 9.03
C TYR A 71 -3.75 8.82 9.93
N TYR A 72 -3.16 9.48 10.93
CA TYR A 72 -2.27 8.86 11.94
C TYR A 72 -3.08 7.89 12.82
N ASP A 73 -4.27 8.33 13.26
CA ASP A 73 -5.16 7.58 14.18
C ASP A 73 -5.74 6.36 13.46
N LYS A 74 -5.92 6.49 12.14
CA LYS A 74 -6.52 5.46 11.26
C LYS A 74 -5.43 4.51 10.74
N ASN A 75 -4.17 4.78 11.08
CA ASN A 75 -2.97 4.01 10.64
C ASN A 75 -2.98 3.88 9.11
N ILE A 76 -3.34 4.96 8.42
CA ILE A 76 -3.38 5.08 6.94
C ILE A 76 -2.02 5.57 6.45
N MET A 77 -1.48 6.61 7.09
CA MET A 77 -0.11 7.14 6.85
C MET A 77 0.42 7.82 8.11
N THR A 78 1.75 7.96 8.18
CA THR A 78 2.51 8.44 9.36
C THR A 78 3.51 9.52 8.92
N LYS A 79 3.87 10.43 9.84
CA LYS A 79 4.82 11.55 9.60
C LYS A 79 6.26 11.04 9.72
N VAL A 80 7.10 11.28 8.71
CA VAL A 80 8.57 11.05 8.80
C VAL A 80 9.15 12.17 9.67
N HIS A 81 9.35 11.89 10.96
CA HIS A 81 9.77 12.87 12.00
C HIS A 81 11.08 13.56 11.59
N GLY A 82 11.18 14.87 11.85
CA GLY A 82 12.40 15.68 11.64
C GLY A 82 12.52 16.17 10.22
N LYS A 83 12.57 15.25 9.25
CA LYS A 83 12.65 15.53 7.79
C LYS A 83 11.43 16.37 7.38
N ARG A 84 11.57 17.20 6.34
CA ARG A 84 10.66 18.34 6.03
C ARG A 84 9.69 17.96 4.92
N TYR A 85 8.37 18.13 5.16
CA TYR A 85 7.25 17.92 4.20
C TYR A 85 7.18 16.45 3.74
N ALA A 86 7.77 15.52 4.51
CA ALA A 86 7.90 14.08 4.17
C ALA A 86 6.87 13.26 4.95
N TYR A 87 6.40 12.16 4.35
CA TYR A 87 5.29 11.31 4.86
C TYR A 87 5.45 9.86 4.39
N LYS A 88 4.91 8.93 5.18
CA LYS A 88 5.01 7.46 4.96
C LYS A 88 3.60 6.86 4.98
N PHE A 89 3.18 6.26 3.87
CA PHE A 89 1.94 5.45 3.75
C PHE A 89 2.06 4.23 4.67
N ASP A 90 0.94 3.83 5.29
CA ASP A 90 0.88 2.75 6.30
C ASP A 90 -0.04 1.64 5.80
N PHE A 91 0.53 0.52 5.35
CA PHE A 91 -0.19 -0.63 4.74
C PHE A 91 -1.25 -1.18 5.71
N HIS A 92 -1.00 -1.12 7.03
CA HIS A 92 -1.90 -1.61 8.11
C HIS A 92 -3.34 -1.12 7.86
N GLY A 93 -3.57 0.19 7.95
CA GLY A 93 -4.89 0.83 7.80
C GLY A 93 -5.23 1.14 6.35
N ILE A 94 -4.24 1.04 5.44
CA ILE A 94 -4.44 1.15 3.97
C ILE A 94 -5.23 -0.07 3.49
N ALA A 95 -4.83 -1.27 3.95
CA ALA A 95 -5.49 -2.55 3.64
C ALA A 95 -6.93 -2.56 4.17
N GLN A 96 -7.21 -1.77 5.23
CA GLN A 96 -8.54 -1.66 5.89
C GLN A 96 -9.51 -0.83 5.02
N ALA A 97 -9.11 0.39 4.65
CA ALA A 97 -9.87 1.29 3.76
C ALA A 97 -10.03 0.64 2.38
N LEU A 98 -9.26 -0.43 2.11
CA LEU A 98 -9.26 -1.18 0.82
C LEU A 98 -10.11 -2.46 0.98
N GLN A 99 -11.17 -2.42 1.78
CA GLN A 99 -12.13 -3.55 1.97
C GLN A 99 -13.56 -3.01 2.02
N PRO A 100 -14.55 -3.74 1.47
CA PRO A 100 -15.95 -3.30 1.49
C PRO A 100 -16.67 -3.63 2.81
N GLY D 8 -13.32 -14.65 -6.43
CA GLY D 8 -13.64 -14.66 -7.89
C GLY D 8 -13.48 -13.28 -8.51
N GLN D 9 -12.74 -13.20 -9.63
CA GLN D 9 -12.33 -11.94 -10.31
C GLN D 9 -11.54 -11.09 -9.30
N ILE D 10 -10.32 -11.54 -8.96
CA ILE D 10 -9.49 -10.95 -7.87
C ILE D 10 -8.01 -11.28 -8.14
N GLN D 11 -7.13 -10.29 -7.94
CA GLN D 11 -5.65 -10.45 -8.00
C GLN D 11 -5.18 -11.16 -6.73
N LEU D 12 -4.10 -11.94 -6.81
CA LEU D 12 -3.51 -12.62 -5.62
C LEU D 12 -3.16 -11.57 -4.57
N TRP D 13 -2.37 -10.56 -4.94
CA TRP D 13 -1.84 -9.54 -3.99
C TRP D 13 -3.01 -8.89 -3.25
N GLN D 14 -4.14 -8.65 -3.93
CA GLN D 14 -5.38 -8.08 -3.31
C GLN D 14 -5.95 -9.07 -2.29
N PHE D 15 -5.93 -10.37 -2.62
CA PHE D 15 -6.41 -11.46 -1.73
C PHE D 15 -5.59 -11.44 -0.43
N LEU D 16 -4.26 -11.42 -0.58
CA LEU D 16 -3.31 -11.46 0.57
C LEU D 16 -3.63 -10.31 1.53
N LEU D 17 -3.92 -9.13 0.99
CA LEU D 17 -4.34 -7.93 1.79
C LEU D 17 -5.70 -8.22 2.43
N GLU D 18 -6.65 -8.74 1.65
CA GLU D 18 -8.01 -9.12 2.12
C GLU D 18 -7.89 -10.04 3.35
N LEU D 19 -6.84 -10.87 3.41
CA LEU D 19 -6.51 -11.70 4.59
C LEU D 19 -5.94 -10.80 5.69
N LEU D 20 -4.82 -10.13 5.40
CA LEU D 20 -4.04 -9.30 6.37
C LEU D 20 -4.93 -8.18 6.92
N SER D 21 -5.93 -7.72 6.16
CA SER D 21 -6.90 -6.67 6.55
C SER D 21 -7.63 -7.06 7.85
N ASP D 22 -7.73 -8.37 8.12
CA ASP D 22 -8.26 -8.95 9.39
C ASP D 22 -7.12 -9.68 10.10
N SER D 23 -6.86 -9.33 11.36
CA SER D 23 -5.77 -9.90 12.20
C SER D 23 -6.12 -11.33 12.61
N ALA D 24 -7.41 -11.62 12.78
CA ALA D 24 -7.96 -12.98 13.06
C ALA D 24 -7.18 -14.02 12.24
N ASN D 25 -6.98 -13.75 10.95
CA ASN D 25 -6.18 -14.57 10.00
C ASN D 25 -4.74 -14.25 10.43
N ALA D 26 -4.32 -14.76 11.59
CA ALA D 26 -3.01 -14.46 12.21
C ALA D 26 -2.24 -15.77 12.05
N SER D 27 -2.86 -16.87 12.48
CA SER D 27 -2.26 -18.23 12.56
C SER D 27 -1.92 -18.79 11.17
N CYS D 28 -2.21 -18.03 10.10
CA CYS D 28 -1.84 -18.37 8.70
C CYS D 28 -0.86 -17.34 8.12
N ILE D 29 -1.07 -16.04 8.39
CA ILE D 29 -0.29 -14.91 7.78
C ILE D 29 -0.38 -13.67 8.69
N THR D 30 0.61 -12.78 8.65
CA THR D 30 0.65 -11.54 9.49
C THR D 30 1.74 -10.58 9.02
N TRP D 31 1.59 -9.29 9.37
CA TRP D 31 2.63 -8.22 9.26
C TRP D 31 3.75 -8.51 10.25
N GLU D 32 5.02 -8.34 9.84
CA GLU D 32 6.20 -8.64 10.69
C GLU D 32 7.36 -7.69 10.33
N GLY D 33 7.37 -6.50 10.92
CA GLY D 33 8.50 -5.55 10.86
C GLY D 33 8.12 -4.22 10.22
N THR D 34 9.09 -3.58 9.57
CA THR D 34 8.97 -2.28 8.83
C THR D 34 7.70 -2.28 7.98
N ASN D 35 7.12 -1.10 7.73
CA ASN D 35 5.92 -0.91 6.87
C ASN D 35 6.12 -1.67 5.55
N GLY D 36 5.24 -2.65 5.27
CA GLY D 36 5.20 -3.40 4.01
C GLY D 36 5.39 -4.90 4.21
N GLU D 37 6.24 -5.29 5.16
CA GLU D 37 6.68 -6.69 5.38
C GLU D 37 5.53 -7.51 5.99
N PHE D 38 5.35 -8.74 5.52
CA PHE D 38 4.38 -9.74 6.06
C PHE D 38 4.97 -11.14 5.92
N LYS D 39 4.66 -12.01 6.88
CA LYS D 39 5.17 -13.41 6.98
C LYS D 39 3.99 -14.38 7.02
N MET D 40 4.08 -15.49 6.29
CA MET D 40 3.06 -16.56 6.26
C MET D 40 3.38 -17.60 7.35
N THR D 41 2.64 -17.57 8.45
CA THR D 41 2.80 -18.47 9.62
C THR D 41 2.47 -19.91 9.19
N ASP D 42 1.39 -20.11 8.41
CA ASP D 42 0.97 -21.44 7.90
C ASP D 42 0.85 -21.37 6.38
N PRO D 43 1.95 -21.67 5.63
CA PRO D 43 1.93 -21.64 4.17
C PRO D 43 0.92 -22.57 3.49
N ASP D 44 0.65 -23.74 4.09
CA ASP D 44 -0.19 -24.81 3.48
C ASP D 44 -1.64 -24.70 3.96
N GLU D 45 -1.97 -23.63 4.70
CA GLU D 45 -3.36 -23.23 5.07
C GLU D 45 -3.81 -22.09 4.16
N VAL D 46 -2.90 -21.18 3.81
CA VAL D 46 -3.13 -20.07 2.85
C VAL D 46 -3.30 -20.67 1.45
N ALA D 47 -2.34 -21.49 1.02
CA ALA D 47 -2.36 -22.26 -0.25
C ALA D 47 -3.77 -22.84 -0.48
N ARG D 48 -4.37 -23.42 0.55
CA ARG D 48 -5.76 -23.99 0.53
C ARG D 48 -6.75 -22.85 0.25
N ARG D 49 -6.79 -21.82 1.11
CA ARG D 49 -7.74 -20.68 1.04
C ARG D 49 -7.62 -19.99 -0.33
N TRP D 50 -6.47 -20.10 -0.99
CA TRP D 50 -6.21 -19.51 -2.33
C TRP D 50 -6.96 -20.32 -3.42
N GLY D 51 -6.72 -21.62 -3.49
CA GLY D 51 -7.48 -22.56 -4.34
C GLY D 51 -8.96 -22.54 -3.98
N GLU D 52 -9.28 -22.31 -2.70
CA GLU D 52 -10.66 -22.30 -2.13
C GLU D 52 -11.40 -21.03 -2.57
N ARG D 53 -10.68 -19.99 -2.98
CA ARG D 53 -11.25 -18.78 -3.62
C ARG D 53 -11.28 -18.98 -5.14
N LYS D 54 -10.28 -19.68 -5.68
CA LYS D 54 -10.01 -19.81 -7.15
C LYS D 54 -10.30 -21.22 -7.68
N SER D 55 -11.18 -21.98 -6.99
CA SER D 55 -11.68 -23.32 -7.38
C SER D 55 -10.65 -24.27 -8.01
N LYS D 56 -9.56 -24.53 -7.29
CA LYS D 56 -8.43 -25.38 -7.74
C LYS D 56 -7.85 -26.10 -6.54
N PRO D 57 -8.58 -27.07 -5.94
CA PRO D 57 -8.14 -27.71 -4.69
C PRO D 57 -7.07 -28.73 -5.11
N ASN D 58 -5.98 -28.24 -5.72
CA ASN D 58 -4.71 -28.99 -5.96
C ASN D 58 -3.61 -28.05 -5.44
N MET D 59 -3.94 -26.77 -5.25
CA MET D 59 -2.99 -25.66 -4.94
C MET D 59 -2.17 -26.00 -3.69
N ASN D 60 -0.88 -25.64 -3.71
CA ASN D 60 0.09 -25.78 -2.58
C ASN D 60 0.82 -24.43 -2.44
N TYR D 61 2.02 -24.45 -1.85
CA TYR D 61 2.91 -23.27 -1.76
C TYR D 61 3.76 -23.18 -3.04
N ASP D 62 4.42 -24.28 -3.40
CA ASP D 62 5.37 -24.38 -4.56
C ASP D 62 4.80 -23.65 -5.77
N LYS D 63 3.50 -23.80 -6.04
CA LYS D 63 2.78 -23.15 -7.16
C LYS D 63 2.50 -21.68 -6.82
N LEU D 64 1.94 -21.44 -5.63
CA LEU D 64 1.58 -20.10 -5.10
C LEU D 64 2.85 -19.24 -5.00
N SER D 65 3.96 -19.84 -4.61
CA SER D 65 5.29 -19.20 -4.48
C SER D 65 5.75 -18.65 -5.85
N ARG D 66 5.61 -19.46 -6.91
CA ARG D 66 6.01 -19.08 -8.28
C ARG D 66 5.21 -17.84 -8.73
N ALA D 67 3.93 -17.79 -8.34
CA ALA D 67 2.99 -16.66 -8.62
C ALA D 67 3.54 -15.35 -8.05
N LEU D 68 4.11 -15.39 -6.83
CA LEU D 68 4.75 -14.20 -6.19
C LEU D 68 6.08 -13.89 -6.89
N ARG D 69 6.73 -14.91 -7.46
CA ARG D 69 8.05 -14.77 -8.15
C ARG D 69 7.88 -14.06 -9.50
N TYR D 70 6.63 -13.80 -9.93
CA TYR D 70 6.31 -12.97 -11.12
C TYR D 70 6.25 -11.49 -10.71
N TYR D 71 5.72 -11.21 -9.50
CA TYR D 71 5.42 -9.83 -9.01
C TYR D 71 6.69 -8.98 -8.84
N TYR D 72 7.87 -9.61 -8.77
CA TYR D 72 9.18 -8.91 -8.65
C TYR D 72 9.32 -7.88 -9.77
N ASP D 73 9.29 -8.35 -11.02
CA ASP D 73 9.53 -7.54 -12.24
C ASP D 73 8.44 -6.46 -12.38
N LYS D 74 7.28 -6.68 -11.76
CA LYS D 74 6.14 -5.73 -11.76
C LYS D 74 6.31 -4.71 -10.61
N ASN D 75 7.36 -4.86 -9.79
CA ASN D 75 7.74 -3.96 -8.67
C ASN D 75 6.52 -3.78 -7.76
N ILE D 76 5.70 -4.84 -7.64
CA ILE D 76 4.44 -4.88 -6.85
C ILE D 76 4.70 -5.45 -5.46
N MET D 77 5.64 -6.40 -5.34
CA MET D 77 6.21 -6.84 -4.04
C MET D 77 7.52 -7.58 -4.27
N THR D 78 8.20 -7.92 -3.16
CA THR D 78 9.54 -8.56 -3.17
C THR D 78 9.77 -9.31 -1.85
N LYS D 79 10.51 -10.42 -1.92
CA LYS D 79 10.81 -11.26 -0.73
C LYS D 79 12.04 -10.69 -0.03
N VAL D 80 11.97 -10.54 1.28
CA VAL D 80 13.12 -10.09 2.11
C VAL D 80 14.07 -11.29 2.21
N HIS D 81 15.35 -11.08 1.90
CA HIS D 81 16.33 -12.19 1.98
C HIS D 81 16.51 -12.57 3.44
N GLY D 82 16.62 -13.87 3.73
CA GLY D 82 16.80 -14.35 5.12
C GLY D 82 15.51 -14.90 5.71
N LYS D 83 14.70 -14.03 6.32
CA LYS D 83 13.44 -14.43 7.01
C LYS D 83 12.61 -15.30 6.06
N ARG D 84 12.31 -16.53 6.50
CA ARG D 84 11.62 -17.56 5.68
C ARG D 84 10.12 -17.24 5.63
N TYR D 85 9.48 -17.49 4.48
CA TYR D 85 8.04 -17.22 4.19
C TYR D 85 7.67 -15.78 4.56
N ALA D 86 8.58 -14.84 4.32
CA ALA D 86 8.45 -13.41 4.65
C ALA D 86 8.68 -12.58 3.39
N TYR D 87 7.64 -11.88 2.91
CA TYR D 87 7.68 -11.02 1.69
C TYR D 87 7.42 -9.58 2.10
N LYS D 88 7.59 -8.65 1.15
CA LYS D 88 7.38 -7.18 1.36
C LYS D 88 6.72 -6.58 0.12
N PHE D 89 5.55 -5.94 0.29
CA PHE D 89 4.84 -5.17 -0.76
C PHE D 89 5.73 -4.01 -1.22
N ASP D 90 5.42 -3.45 -2.40
CA ASP D 90 6.22 -2.38 -3.06
C ASP D 90 5.23 -1.30 -3.54
N PHE D 91 4.92 -0.35 -2.65
CA PHE D 91 3.89 0.72 -2.86
C PHE D 91 3.98 1.32 -4.27
N HIS D 92 5.17 1.29 -4.87
CA HIS D 92 5.46 1.85 -6.22
C HIS D 92 4.63 1.13 -7.29
N GLY D 93 4.77 -0.20 -7.41
CA GLY D 93 3.98 -1.02 -8.35
C GLY D 93 2.51 -1.00 -8.00
N ILE D 94 2.20 -1.03 -6.69
CA ILE D 94 0.82 -1.08 -6.12
C ILE D 94 0.06 0.20 -6.49
N ALA D 95 0.76 1.34 -6.50
CA ALA D 95 0.18 2.67 -6.84
C ALA D 95 -0.32 2.67 -8.29
N GLN D 96 0.51 2.19 -9.23
CA GLN D 96 0.19 2.12 -10.69
C GLN D 96 -0.96 1.12 -10.93
N ALA D 97 -1.07 0.11 -10.06
CA ALA D 97 -2.09 -0.98 -10.13
C ALA D 97 -3.32 -0.63 -9.29
N LEU D 98 -3.58 0.67 -9.06
CA LEU D 98 -4.69 1.15 -8.18
C LEU D 98 -5.46 2.28 -8.87
N GLN D 99 -5.47 2.29 -10.21
CA GLN D 99 -5.99 3.39 -11.06
C GLN D 99 -7.33 2.98 -11.68
#